data_7TCD
#
_entry.id   7TCD
#
_cell.length_a   138.504
_cell.length_b   47.902
_cell.length_c   78.068
_cell.angle_alpha   90.000
_cell.angle_beta   107.560
_cell.angle_gamma   90.000
#
_symmetry.space_group_name_H-M   'C 1 2 1'
#
loop_
_entity.id
_entity.type
_entity.pdbx_description
1 polymer 'D13 LOV2-DARPin fusion'
2 non-polymer 'FLAVIN MONONUCLEOTIDE'
3 non-polymer 'MAGNESIUM ION'
4 non-polymer 'CHLORIDE ION'
5 water water
#
_entity_poly.entity_id   1
_entity_poly.type   'polypeptide(L)'
_entity_poly.pdbx_seq_one_letter_code
;GSGEGFLATTLERIEKNFVITDPRLPDNPIIFASDSFLQLTEYSREEILGRNARFLQGPETDRATVRKIRDAIDNQTEVT
VQLINYTKSGKKFWNVFHLQPMRDYKGDVQYFIGVQLDGTERLHGAAEREAVMLIKKTAAQIDAAAKLAAAIQQAKEVAK
EVEKVAQRAEEEGNPDLRDSAKELRRAVEEAIEIAKKIGNPELVERVARLAKKAAELIKRAIRAEKEGNRDERREALERV
REVIERIEEDVRKAMLIAKLLEAAKKGQIEEVRRLLELGADANGADGGGTTPLHLAATSGQLTIVEILLRQGADVNAADN
TGTTPLHLAAYSGHLEIVEVLLKHGADVDASDVFGYTPLHLAAYWGHLEIVEVLLKNGADVNAMDSDGMTPLHLAAKWGY
LEIVEVLLKHGADVNAQDKFGKTPFDLAIDNGNEDIAEVLQKAA
;
_entity_poly.pdbx_strand_id   A
#
loop_
_chem_comp.id
_chem_comp.type
_chem_comp.name
_chem_comp.formula
CL non-polymer 'CHLORIDE ION' 'Cl -1'
FMN non-polymer 'FLAVIN MONONUCLEOTIDE' 'C17 H21 N4 O9 P'
MG non-polymer 'MAGNESIUM ION' 'Mg 2'
#
# COMPACT_ATOMS: atom_id res chain seq x y z
N THR A 9 3.03 -14.04 -14.80
CA THR A 9 2.72 -12.58 -14.88
C THR A 9 3.30 -11.93 -13.61
N THR A 10 2.99 -10.65 -13.35
CA THR A 10 3.36 -9.93 -12.08
C THR A 10 2.58 -10.55 -10.90
N LEU A 11 1.38 -11.07 -11.17
CA LEU A 11 0.47 -11.68 -10.16
C LEU A 11 1.04 -13.05 -9.78
N GLU A 12 1.78 -13.68 -10.68
CA GLU A 12 2.50 -14.94 -10.38
C GLU A 12 3.70 -14.63 -9.48
N ARG A 13 4.07 -13.35 -9.36
CA ARG A 13 5.14 -12.90 -8.41
C ARG A 13 4.59 -12.83 -6.98
N ILE A 14 3.28 -12.61 -6.77
CA ILE A 14 2.71 -12.35 -5.40
C ILE A 14 2.45 -13.71 -4.73
N GLU A 15 3.13 -13.95 -3.59
CA GLU A 15 3.22 -15.27 -2.91
C GLU A 15 2.31 -15.26 -1.67
N LYS A 16 1.04 -14.98 -1.92
CA LYS A 16 -0.01 -14.84 -0.89
C LYS A 16 -1.22 -15.67 -1.34
N ASN A 17 -2.12 -15.99 -0.41
CA ASN A 17 -3.45 -16.57 -0.73
C ASN A 17 -4.30 -15.46 -1.35
N PHE A 18 -4.65 -15.58 -2.62
CA PHE A 18 -5.72 -14.77 -3.23
C PHE A 18 -6.36 -15.48 -4.42
N VAL A 19 -7.50 -14.92 -4.79
CA VAL A 19 -8.25 -15.26 -6.04
C VAL A 19 -8.74 -13.95 -6.63
N ILE A 20 -8.93 -13.96 -7.95
CA ILE A 20 -9.65 -12.90 -8.70
C ILE A 20 -10.82 -13.59 -9.39
N THR A 21 -12.00 -12.99 -9.26
CA THR A 21 -13.26 -13.50 -9.84
C THR A 21 -13.68 -12.51 -10.91
N ASP A 22 -14.55 -12.98 -11.82
CA ASP A 22 -15.12 -12.17 -12.92
C ASP A 22 -16.61 -12.02 -12.67
N PRO A 23 -17.07 -10.86 -12.15
CA PRO A 23 -18.48 -10.64 -11.87
C PRO A 23 -19.34 -10.47 -13.13
N ARG A 24 -18.68 -10.35 -14.29
CA ARG A 24 -19.36 -10.17 -15.58
C ARG A 24 -19.84 -11.55 -16.06
N LEU A 25 -19.29 -12.64 -15.52
CA LEU A 25 -19.69 -14.02 -15.83
C LEU A 25 -20.77 -14.45 -14.83
N PRO A 26 -21.65 -15.39 -15.21
CA PRO A 26 -22.69 -15.87 -14.28
C PRO A 26 -22.06 -16.38 -12.96
N ASP A 27 -22.57 -15.86 -11.84
CA ASP A 27 -22.21 -16.26 -10.45
C ASP A 27 -20.71 -16.01 -10.16
N ASN A 28 -20.11 -15.03 -10.80
CA ASN A 28 -18.85 -14.41 -10.32
C ASN A 28 -17.79 -15.49 -10.06
N PRO A 29 -17.40 -16.32 -11.07
CA PRO A 29 -16.44 -17.39 -10.84
C PRO A 29 -14.99 -16.86 -10.67
N ILE A 30 -14.18 -17.68 -10.02
CA ILE A 30 -12.71 -17.55 -9.95
C ILE A 30 -12.14 -17.84 -11.33
N ILE A 31 -11.40 -16.84 -11.79
CA ILE A 31 -10.60 -16.84 -13.05
C ILE A 31 -9.11 -16.91 -12.73
N PHE A 32 -8.66 -16.65 -11.50
CA PHE A 32 -7.25 -16.80 -11.05
C PHE A 32 -7.17 -17.22 -9.57
N ALA A 33 -6.37 -18.25 -9.26
CA ALA A 33 -6.03 -18.77 -7.92
C ALA A 33 -4.49 -18.92 -7.72
N SER A 34 -3.87 -18.12 -6.84
CA SER A 34 -2.42 -18.15 -6.54
C SER A 34 -2.06 -19.56 -6.07
N ASP A 35 -0.82 -20.06 -6.22
CA ASP A 35 -0.48 -21.44 -5.73
C ASP A 35 -0.61 -21.52 -4.20
N SER A 36 -0.41 -20.42 -3.46
CA SER A 36 -0.58 -20.37 -1.98
C SER A 36 -2.04 -20.74 -1.66
N PHE A 37 -2.99 -20.12 -2.34
CA PHE A 37 -4.43 -20.46 -2.21
C PHE A 37 -4.64 -21.96 -2.46
N LEU A 38 -4.11 -22.49 -3.56
CA LEU A 38 -4.22 -23.92 -3.91
C LEU A 38 -3.56 -24.74 -2.80
N GLN A 39 -2.45 -24.25 -2.26
CA GLN A 39 -1.73 -24.99 -1.20
C GLN A 39 -2.56 -24.95 0.08
N LEU A 40 -3.05 -23.77 0.44
CA LEU A 40 -3.98 -23.59 1.59
C LEU A 40 -5.16 -24.57 1.49
N THR A 41 -5.82 -24.64 0.34
CA THR A 41 -7.19 -25.24 0.28
C THR A 41 -7.15 -26.71 -0.07
N GLU A 42 -6.01 -27.20 -0.58
CA GLU A 42 -5.78 -28.64 -0.91
C GLU A 42 -6.47 -29.00 -2.23
N TYR A 43 -7.06 -28.04 -2.95
CA TYR A 43 -7.67 -28.20 -4.29
C TYR A 43 -6.61 -27.89 -5.35
N SER A 44 -6.75 -28.50 -6.53
CA SER A 44 -5.99 -28.19 -7.77
C SER A 44 -6.59 -26.95 -8.43
N ARG A 45 -5.81 -26.35 -9.31
CA ARG A 45 -6.27 -25.24 -10.18
C ARG A 45 -7.52 -25.69 -10.96
N GLU A 46 -7.49 -26.86 -11.64
CA GLU A 46 -8.61 -27.41 -12.46
C GLU A 46 -9.88 -27.48 -11.59
N GLU A 47 -9.74 -27.86 -10.32
CA GLU A 47 -10.89 -27.94 -9.38
C GLU A 47 -11.44 -26.53 -9.08
N ILE A 48 -10.65 -25.47 -9.25
CA ILE A 48 -10.94 -24.14 -8.62
C ILE A 48 -11.47 -23.14 -9.66
N LEU A 49 -10.80 -23.05 -10.83
CA LEU A 49 -11.20 -22.12 -11.91
C LEU A 49 -12.64 -22.42 -12.37
N GLY A 50 -13.43 -21.37 -12.59
CA GLY A 50 -14.86 -21.48 -12.98
C GLY A 50 -15.81 -21.69 -11.80
N ARG A 51 -15.31 -21.80 -10.56
CA ARG A 51 -16.09 -22.04 -9.32
C ARG A 51 -16.29 -20.72 -8.56
N ASN A 52 -17.48 -20.52 -8.01
CA ASN A 52 -17.72 -19.46 -6.98
C ASN A 52 -16.99 -19.88 -5.70
N ALA A 53 -16.37 -18.92 -5.01
CA ALA A 53 -15.51 -19.19 -3.83
C ALA A 53 -16.35 -19.68 -2.64
N ARG A 54 -17.68 -19.75 -2.71
CA ARG A 54 -18.49 -20.16 -1.52
C ARG A 54 -18.26 -21.64 -1.19
N PHE A 55 -17.66 -22.42 -2.08
CA PHE A 55 -17.40 -23.87 -1.80
C PHE A 55 -16.49 -24.04 -0.58
N LEU A 56 -15.74 -22.99 -0.20
CA LEU A 56 -14.89 -22.99 1.03
C LEU A 56 -15.72 -23.07 2.32
N GLN A 57 -17.00 -22.75 2.27
CA GLN A 57 -17.83 -22.69 3.49
C GLN A 57 -18.30 -24.09 3.86
N GLY A 58 -18.73 -24.23 5.10
CA GLY A 58 -19.17 -25.51 5.65
C GLY A 58 -19.98 -25.35 6.91
N PRO A 59 -20.16 -26.47 7.64
CA PRO A 59 -21.09 -26.52 8.76
C PRO A 59 -20.93 -25.35 9.74
N GLU A 60 -19.71 -25.03 10.10
CA GLU A 60 -19.40 -24.06 11.17
C GLU A 60 -19.38 -22.65 10.63
N THR A 61 -19.48 -22.46 9.31
CA THR A 61 -19.40 -21.10 8.73
C THR A 61 -20.56 -20.20 9.21
N ASP A 62 -20.25 -19.02 9.77
CA ASP A 62 -21.27 -18.07 10.26
C ASP A 62 -22.03 -17.44 9.08
N ARG A 63 -23.32 -17.76 8.93
CA ARG A 63 -24.12 -17.36 7.75
C ARG A 63 -24.38 -15.85 7.72
N ALA A 64 -24.43 -15.19 8.88
CA ALA A 64 -24.56 -13.72 8.95
C ALA A 64 -23.29 -13.07 8.38
N THR A 65 -22.13 -13.63 8.68
CA THR A 65 -20.85 -13.16 8.13
C THR A 65 -20.88 -13.24 6.61
N VAL A 66 -21.33 -14.39 6.07
CA VAL A 66 -21.41 -14.64 4.62
C VAL A 66 -22.37 -13.64 4.01
N ARG A 67 -23.50 -13.38 4.65
CA ARG A 67 -24.43 -12.30 4.20
C ARG A 67 -23.71 -10.94 4.16
N LYS A 68 -22.71 -10.66 5.00
CA LYS A 68 -21.93 -9.38 4.89
C LYS A 68 -21.15 -9.37 3.56
N ILE A 69 -20.53 -10.50 3.25
CA ILE A 69 -19.79 -10.65 1.97
C ILE A 69 -20.77 -10.41 0.83
N ARG A 70 -21.91 -11.08 0.84
CA ARG A 70 -22.93 -10.96 -0.23
C ARG A 70 -23.28 -9.47 -0.41
N ASP A 71 -23.60 -8.77 0.67
CA ASP A 71 -24.06 -7.36 0.57
C ASP A 71 -22.94 -6.50 -0.01
N ALA A 72 -21.69 -6.72 0.41
CA ALA A 72 -20.54 -5.90 -0.06
C ALA A 72 -20.33 -6.11 -1.57
N ILE A 73 -20.42 -7.34 -2.05
CA ILE A 73 -20.28 -7.66 -3.49
C ILE A 73 -21.42 -6.97 -4.25
N ASP A 74 -22.66 -7.15 -3.81
CA ASP A 74 -23.86 -6.50 -4.39
C ASP A 74 -23.75 -4.97 -4.39
N ASN A 75 -23.13 -4.35 -3.40
CA ASN A 75 -22.96 -2.87 -3.36
C ASN A 75 -21.66 -2.46 -4.03
N GLN A 76 -20.92 -3.43 -4.59
CA GLN A 76 -19.60 -3.22 -5.24
C GLN A 76 -18.70 -2.38 -4.32
N THR A 77 -18.57 -2.80 -3.07
CA THR A 77 -17.69 -2.16 -2.07
C THR A 77 -16.75 -3.23 -1.51
N GLU A 78 -15.71 -2.76 -0.80
CA GLU A 78 -14.75 -3.69 -0.16
C GLU A 78 -15.33 -4.04 1.21
N VAL A 79 -14.91 -5.18 1.75
CA VAL A 79 -15.30 -5.67 3.10
C VAL A 79 -14.13 -6.50 3.62
N THR A 80 -13.97 -6.55 4.93
CA THR A 80 -13.03 -7.43 5.65
C THR A 80 -13.85 -8.16 6.70
N VAL A 81 -13.74 -9.49 6.78
CA VAL A 81 -14.46 -10.29 7.80
C VAL A 81 -13.53 -11.43 8.22
N GLN A 82 -13.91 -12.13 9.31
CA GLN A 82 -13.28 -13.40 9.73
C GLN A 82 -14.34 -14.47 9.71
N LEU A 83 -14.03 -15.62 9.10
CA LEU A 83 -15.05 -16.70 8.92
C LEU A 83 -14.33 -18.02 8.74
N ILE A 84 -15.05 -19.07 9.10
CA ILE A 84 -14.52 -20.46 9.17
C ILE A 84 -14.68 -21.00 7.75
N ASN A 85 -13.58 -21.53 7.20
CA ASN A 85 -13.60 -22.24 5.91
C ASN A 85 -12.96 -23.64 6.08
N TYR A 86 -12.98 -24.43 5.00
CA TYR A 86 -12.68 -25.87 5.02
C TYR A 86 -11.81 -26.18 3.81
N THR A 87 -10.75 -26.99 4.01
CA THR A 87 -9.95 -27.61 2.92
C THR A 87 -10.79 -28.71 2.26
N LYS A 88 -10.29 -29.21 1.14
CA LYS A 88 -10.84 -30.38 0.40
C LYS A 88 -10.92 -31.60 1.32
N SER A 89 -9.95 -31.83 2.21
CA SER A 89 -9.97 -32.97 3.17
C SER A 89 -10.98 -32.70 4.29
N GLY A 90 -11.41 -31.46 4.46
CA GLY A 90 -12.43 -31.08 5.47
C GLY A 90 -11.80 -30.47 6.70
N LYS A 91 -10.52 -30.12 6.64
CA LYS A 91 -9.82 -29.39 7.74
C LYS A 91 -10.40 -27.96 7.86
N LYS A 92 -10.94 -27.64 9.03
CA LYS A 92 -11.39 -26.28 9.40
C LYS A 92 -10.20 -25.33 9.38
N PHE A 93 -10.36 -24.11 8.86
CA PHE A 93 -9.46 -22.99 9.20
C PHE A 93 -10.22 -21.67 9.32
N TRP A 94 -9.67 -20.79 10.15
CA TRP A 94 -10.08 -19.38 10.23
C TRP A 94 -9.46 -18.61 9.07
N ASN A 95 -10.30 -17.70 8.53
CA ASN A 95 -9.96 -16.92 7.33
C ASN A 95 -10.27 -15.49 7.64
N VAL A 96 -9.20 -14.71 7.74
CA VAL A 96 -9.29 -13.23 7.66
C VAL A 96 -9.32 -12.90 6.17
N PHE A 97 -10.48 -12.46 5.69
CA PHE A 97 -10.81 -12.41 4.26
C PHE A 97 -11.12 -10.95 3.92
N HIS A 98 -10.41 -10.45 2.91
CA HIS A 98 -10.58 -9.08 2.39
C HIS A 98 -10.94 -9.15 0.93
N LEU A 99 -11.97 -8.41 0.62
CA LEU A 99 -12.57 -8.29 -0.73
C LEU A 99 -12.37 -6.86 -1.18
N GLN A 100 -11.96 -6.66 -2.42
CA GLN A 100 -12.14 -5.33 -3.04
C GLN A 100 -12.30 -5.41 -4.54
N PRO A 101 -13.17 -4.53 -5.06
CA PRO A 101 -13.45 -4.48 -6.48
C PRO A 101 -12.19 -3.94 -7.20
N MET A 102 -11.85 -4.53 -8.33
CA MET A 102 -10.87 -3.95 -9.30
C MET A 102 -11.60 -3.26 -10.45
N ARG A 103 -11.54 -1.92 -10.47
CA ARG A 103 -12.28 -1.04 -11.41
C ARG A 103 -11.37 -0.52 -12.53
N ASP A 104 -11.96 -0.21 -13.69
CA ASP A 104 -11.40 0.65 -14.77
C ASP A 104 -11.38 2.12 -14.33
N TYR A 105 -10.59 2.97 -15.01
CA TYR A 105 -10.50 4.44 -14.88
C TYR A 105 -11.91 5.09 -14.92
N LYS A 106 -12.86 4.46 -15.62
CA LYS A 106 -14.28 4.90 -15.73
C LYS A 106 -14.98 4.74 -14.36
N GLY A 107 -14.35 4.05 -13.41
CA GLY A 107 -14.91 3.74 -12.08
C GLY A 107 -15.85 2.55 -12.11
N ASP A 108 -15.73 1.65 -13.10
CA ASP A 108 -16.66 0.51 -13.36
C ASP A 108 -15.97 -0.83 -13.03
N VAL A 109 -16.61 -1.64 -12.19
CA VAL A 109 -16.02 -2.90 -11.64
C VAL A 109 -15.88 -3.91 -12.78
N GLN A 110 -14.82 -4.68 -12.72
CA GLN A 110 -14.35 -5.55 -13.82
C GLN A 110 -13.97 -6.90 -13.20
N TYR A 111 -13.32 -6.88 -12.04
CA TYR A 111 -13.04 -8.09 -11.23
C TYR A 111 -13.20 -7.77 -9.76
N PHE A 112 -13.24 -8.86 -8.99
CA PHE A 112 -13.06 -8.84 -7.53
C PHE A 112 -11.75 -9.54 -7.18
N ILE A 113 -11.00 -8.88 -6.31
CA ILE A 113 -9.83 -9.43 -5.57
C ILE A 113 -10.33 -9.91 -4.20
N GLY A 114 -9.83 -11.09 -3.79
CA GLY A 114 -10.12 -11.71 -2.49
C GLY A 114 -8.86 -12.31 -1.90
N VAL A 115 -8.50 -11.83 -0.72
CA VAL A 115 -7.27 -12.25 -0.01
C VAL A 115 -7.66 -12.97 1.27
N GLN A 116 -7.06 -14.13 1.50
CA GLN A 116 -7.33 -14.98 2.67
C GLN A 116 -6.06 -15.08 3.54
N LEU A 117 -6.17 -14.78 4.83
CA LEU A 117 -5.12 -15.04 5.83
C LEU A 117 -5.63 -16.15 6.74
N ASP A 118 -5.01 -17.32 6.66
CA ASP A 118 -5.49 -18.55 7.35
C ASP A 118 -4.92 -18.65 8.76
N GLY A 119 -5.74 -19.04 9.73
CA GLY A 119 -5.29 -19.22 11.11
C GLY A 119 -6.14 -20.25 11.83
N THR A 120 -5.94 -20.37 13.15
CA THR A 120 -6.53 -21.47 13.95
C THR A 120 -7.66 -20.87 14.76
N GLU A 121 -7.65 -19.56 14.96
CA GLU A 121 -8.69 -18.88 15.77
C GLU A 121 -9.14 -17.54 15.17
N ARG A 122 -10.27 -17.05 15.65
CA ARG A 122 -10.75 -15.67 15.41
C ARG A 122 -9.81 -14.71 16.13
N LEU A 123 -9.35 -13.67 15.45
CA LEU A 123 -8.41 -12.66 16.03
C LEU A 123 -9.20 -11.49 16.59
N HIS A 124 -8.67 -10.86 17.62
CA HIS A 124 -9.19 -9.60 18.18
C HIS A 124 -8.04 -8.63 18.38
N GLY A 125 -8.38 -7.33 18.42
CA GLY A 125 -7.45 -6.23 18.76
C GLY A 125 -6.25 -6.24 17.87
N ALA A 126 -5.05 -6.22 18.46
CA ALA A 126 -3.78 -5.95 17.75
C ALA A 126 -3.45 -7.03 16.68
N ALA A 127 -3.71 -8.31 16.96
CA ALA A 127 -3.53 -9.43 16.00
C ALA A 127 -4.55 -9.28 14.89
N GLU A 128 -5.76 -8.87 15.21
CA GLU A 128 -6.74 -8.60 14.15
C GLU A 128 -6.22 -7.46 13.27
N ARG A 129 -5.76 -6.38 13.89
CA ARG A 129 -5.24 -5.23 13.11
C ARG A 129 -4.12 -5.67 12.15
N GLU A 130 -3.18 -6.45 12.63
CA GLU A 130 -2.00 -6.91 11.85
C GLU A 130 -2.49 -7.70 10.64
N ALA A 131 -3.42 -8.63 10.86
CA ALA A 131 -3.94 -9.47 9.76
C ALA A 131 -4.67 -8.58 8.72
N VAL A 132 -5.49 -7.66 9.17
CA VAL A 132 -6.30 -6.78 8.29
C VAL A 132 -5.36 -5.96 7.39
N MET A 133 -4.29 -5.44 7.95
CA MET A 133 -3.39 -4.55 7.16
C MET A 133 -2.60 -5.40 6.20
N LEU A 134 -2.22 -6.59 6.61
CA LEU A 134 -1.50 -7.49 5.71
C LEU A 134 -2.36 -7.75 4.48
N ILE A 135 -3.59 -8.19 4.68
CA ILE A 135 -4.43 -8.61 3.52
C ILE A 135 -4.84 -7.39 2.70
N LYS A 136 -4.95 -6.21 3.31
CA LYS A 136 -5.33 -4.98 2.60
C LYS A 136 -4.17 -4.57 1.72
N LYS A 137 -2.94 -4.75 2.21
CA LYS A 137 -1.69 -4.47 1.44
C LYS A 137 -1.51 -5.47 0.32
N THR A 138 -1.75 -6.76 0.54
CA THR A 138 -1.84 -7.77 -0.56
C THR A 138 -2.84 -7.35 -1.66
N ALA A 139 -4.06 -6.96 -1.29
CA ALA A 139 -5.09 -6.65 -2.30
C ALA A 139 -4.57 -5.47 -3.14
N ALA A 140 -4.10 -4.40 -2.50
CA ALA A 140 -3.63 -3.17 -3.18
C ALA A 140 -2.49 -3.49 -4.17
N GLN A 141 -1.57 -4.38 -3.78
CA GLN A 141 -0.47 -4.82 -4.65
C GLN A 141 -1.01 -5.65 -5.82
N ILE A 142 -2.02 -6.47 -5.57
CA ILE A 142 -2.61 -7.28 -6.67
C ILE A 142 -3.23 -6.28 -7.65
N ASP A 143 -3.91 -5.26 -7.15
CA ASP A 143 -4.55 -4.23 -8.01
C ASP A 143 -3.46 -3.59 -8.89
N ALA A 144 -2.36 -3.18 -8.27
CA ALA A 144 -1.25 -2.44 -8.92
C ALA A 144 -0.58 -3.34 -9.95
N ALA A 145 -0.35 -4.61 -9.59
CA ALA A 145 0.36 -5.54 -10.46
C ALA A 145 -0.48 -5.72 -11.73
N ALA A 146 -1.79 -5.92 -11.60
CA ALA A 146 -2.75 -6.01 -12.72
C ALA A 146 -2.74 -4.70 -13.55
N LYS A 147 -2.74 -3.54 -12.90
CA LYS A 147 -2.84 -2.24 -13.63
C LYS A 147 -1.53 -1.97 -14.34
N LEU A 148 -0.43 -2.44 -13.76
CA LEU A 148 0.93 -2.36 -14.32
C LEU A 148 0.99 -3.29 -15.53
N ALA A 149 0.61 -4.57 -15.37
CA ALA A 149 0.66 -5.55 -16.47
C ALA A 149 -0.08 -4.97 -17.69
N ALA A 150 -1.28 -4.44 -17.49
CA ALA A 150 -2.07 -3.83 -18.59
C ALA A 150 -1.31 -2.61 -19.15
N ALA A 151 -0.81 -1.68 -18.32
CA ALA A 151 -0.12 -0.47 -18.80
C ALA A 151 1.12 -0.90 -19.60
N ILE A 152 1.89 -1.86 -19.08
CA ILE A 152 3.16 -2.34 -19.72
C ILE A 152 2.83 -2.98 -21.05
N GLN A 153 1.73 -3.73 -21.14
CA GLN A 153 1.34 -4.36 -22.43
C GLN A 153 1.18 -3.28 -23.50
N GLN A 154 0.33 -2.28 -23.24
CA GLN A 154 0.08 -1.14 -24.16
C GLN A 154 1.40 -0.43 -24.51
N ALA A 155 2.25 -0.13 -23.52
CA ALA A 155 3.56 0.50 -23.73
C ALA A 155 4.46 -0.36 -24.62
N LYS A 156 4.49 -1.69 -24.49
CA LYS A 156 5.34 -2.48 -25.41
C LYS A 156 4.76 -2.41 -26.84
N GLU A 157 3.45 -2.33 -27.00
CA GLU A 157 2.80 -2.09 -28.32
C GLU A 157 3.26 -0.75 -28.90
N VAL A 158 3.26 0.33 -28.13
CA VAL A 158 3.75 1.66 -28.63
C VAL A 158 5.24 1.54 -29.01
N ALA A 159 6.08 0.94 -28.14
CA ALA A 159 7.50 0.66 -28.40
C ALA A 159 7.67 -0.05 -29.77
N LYS A 160 6.83 -1.03 -30.10
CA LYS A 160 6.95 -1.75 -31.40
C LYS A 160 6.66 -0.77 -32.55
N GLU A 161 5.64 0.07 -32.42
CA GLU A 161 5.32 1.08 -33.46
C GLU A 161 6.47 2.08 -33.61
N VAL A 162 7.05 2.54 -32.50
CA VAL A 162 8.22 3.45 -32.54
C VAL A 162 9.32 2.77 -33.36
N GLU A 163 9.50 1.46 -33.23
CA GLU A 163 10.60 0.76 -33.97
C GLU A 163 10.31 0.77 -35.47
N LYS A 164 9.06 0.61 -35.89
CA LYS A 164 8.69 0.69 -37.32
C LYS A 164 8.84 2.13 -37.82
N VAL A 165 8.54 3.12 -36.98
CA VAL A 165 8.73 4.54 -37.38
C VAL A 165 10.23 4.81 -37.60
N ALA A 166 11.11 4.25 -36.77
CA ALA A 166 12.59 4.30 -36.91
C ALA A 166 13.01 3.70 -38.27
N GLN A 167 12.49 2.51 -38.60
CA GLN A 167 12.78 1.78 -39.88
C GLN A 167 12.32 2.66 -41.05
N ARG A 168 11.09 3.14 -41.06
CA ARG A 168 10.54 4.09 -42.08
C ARG A 168 11.44 5.34 -42.20
N ALA A 169 11.86 5.99 -41.12
CA ALA A 169 12.71 7.19 -41.18
C ALA A 169 14.04 6.85 -41.88
N GLU A 170 14.62 5.71 -41.52
CA GLU A 170 15.91 5.26 -42.07
C GLU A 170 15.75 5.03 -43.59
N GLU A 171 14.75 4.22 -43.97
CA GLU A 171 14.40 3.90 -45.40
C GLU A 171 14.33 5.22 -46.19
N GLU A 172 13.87 6.30 -45.57
CA GLU A 172 13.57 7.58 -46.25
C GLU A 172 14.76 8.52 -46.12
N GLY A 173 15.89 8.05 -45.59
CA GLY A 173 17.12 8.84 -45.43
C GLY A 173 16.94 9.98 -44.45
N ASN A 174 16.32 9.72 -43.29
CA ASN A 174 16.12 10.74 -42.20
C ASN A 174 16.71 10.21 -40.90
N PRO A 175 18.05 10.09 -40.80
CA PRO A 175 18.68 9.49 -39.62
C PRO A 175 18.40 10.33 -38.36
N ASP A 176 18.21 11.64 -38.52
CA ASP A 176 17.82 12.47 -37.34
C ASP A 176 16.46 12.02 -36.77
N LEU A 177 15.50 11.70 -37.63
CA LEU A 177 14.14 11.27 -37.22
C LEU A 177 14.29 9.83 -36.70
N ARG A 178 15.10 9.02 -37.37
CA ARG A 178 15.39 7.62 -36.94
C ARG A 178 16.00 7.65 -35.54
N ASP A 179 16.98 8.52 -35.30
CA ASP A 179 17.68 8.63 -33.99
C ASP A 179 16.67 9.04 -32.88
N SER A 180 15.74 9.95 -33.19
CA SER A 180 14.74 10.44 -32.21
C SER A 180 13.84 9.25 -31.85
N ALA A 181 13.47 8.45 -32.85
CA ALA A 181 12.57 7.32 -32.60
C ALA A 181 13.29 6.35 -31.65
N LYS A 182 14.55 6.02 -31.95
CA LYS A 182 15.35 5.06 -31.12
C LYS A 182 15.42 5.60 -29.67
N GLU A 183 15.74 6.89 -29.48
CA GLU A 183 15.79 7.49 -28.13
C GLU A 183 14.44 7.24 -27.45
N LEU A 184 13.38 7.47 -28.20
CA LEU A 184 12.01 7.39 -27.66
C LEU A 184 11.73 5.94 -27.23
N ARG A 185 12.09 4.96 -28.02
CA ARG A 185 11.86 3.55 -27.62
C ARG A 185 12.65 3.23 -26.33
N ARG A 186 13.87 3.73 -26.16
CA ARG A 186 14.68 3.51 -24.93
C ARG A 186 14.01 4.12 -23.70
N ALA A 187 13.40 5.31 -23.85
CA ALA A 187 12.78 6.07 -22.75
C ALA A 187 11.55 5.30 -22.27
N VAL A 188 10.82 4.67 -23.19
CA VAL A 188 9.61 3.87 -22.81
C VAL A 188 10.07 2.64 -22.03
N GLU A 189 11.07 1.94 -22.54
CA GLU A 189 11.66 0.79 -21.78
C GLU A 189 12.12 1.24 -20.39
N GLU A 190 12.78 2.38 -20.30
CA GLU A 190 13.24 2.91 -18.99
C GLU A 190 12.01 3.09 -18.08
N ALA A 191 10.97 3.76 -18.57
CA ALA A 191 9.73 4.03 -17.84
C ALA A 191 9.17 2.70 -17.30
N ILE A 192 9.08 1.67 -18.13
CA ILE A 192 8.54 0.34 -17.69
C ILE A 192 9.32 -0.12 -16.46
N GLU A 193 10.64 -0.15 -16.55
CA GLU A 193 11.51 -0.69 -15.46
C GLU A 193 11.37 0.17 -14.19
N ILE A 194 11.41 1.50 -14.28
CA ILE A 194 11.26 2.31 -13.05
C ILE A 194 9.84 2.08 -12.46
N ALA A 195 8.78 2.08 -13.30
CA ALA A 195 7.40 1.92 -12.80
C ALA A 195 7.25 0.59 -12.02
N LYS A 196 7.87 -0.49 -12.43
CA LYS A 196 7.83 -1.74 -11.61
C LYS A 196 8.51 -1.53 -10.25
N LYS A 197 9.61 -0.80 -10.23
CA LYS A 197 10.40 -0.54 -9.01
C LYS A 197 9.51 0.18 -7.99
N ILE A 198 8.75 1.19 -8.38
CA ILE A 198 7.94 1.99 -7.43
C ILE A 198 6.44 1.68 -7.48
N GLY A 199 5.98 0.67 -8.22
CA GLY A 199 4.55 0.32 -8.31
C GLY A 199 3.68 1.46 -8.82
N ASN A 200 4.04 2.11 -9.93
CA ASN A 200 3.36 3.30 -10.53
C ASN A 200 2.91 3.03 -11.96
N PRO A 201 1.73 2.37 -12.16
CA PRO A 201 1.26 2.08 -13.52
C PRO A 201 0.87 3.41 -14.22
N GLU A 202 0.62 4.51 -13.49
CA GLU A 202 0.23 5.82 -14.11
C GLU A 202 1.43 6.38 -14.92
N LEU A 203 2.66 6.20 -14.42
CA LEU A 203 3.90 6.62 -15.12
C LEU A 203 3.97 5.89 -16.46
N VAL A 204 3.70 4.60 -16.49
CA VAL A 204 3.80 3.82 -17.75
C VAL A 204 2.76 4.35 -18.73
N GLU A 205 1.55 4.52 -18.25
CA GLU A 205 0.42 4.92 -19.13
C GLU A 205 0.71 6.31 -19.68
N ARG A 206 1.19 7.24 -18.86
CA ARG A 206 1.48 8.64 -19.25
C ARG A 206 2.59 8.61 -20.32
N VAL A 207 3.67 7.90 -20.04
CA VAL A 207 4.84 7.79 -20.94
C VAL A 207 4.44 7.03 -22.22
N ALA A 208 3.61 6.00 -22.16
CA ALA A 208 3.23 5.32 -23.41
C ALA A 208 2.45 6.33 -24.29
N ARG A 209 1.59 7.13 -23.68
CA ARG A 209 0.73 8.00 -24.51
C ARG A 209 1.61 9.09 -25.13
N LEU A 210 2.62 9.60 -24.38
CA LEU A 210 3.50 10.66 -24.88
C LEU A 210 4.37 10.06 -25.98
N ALA A 211 4.84 8.85 -25.80
CA ALA A 211 5.65 8.18 -26.83
C ALA A 211 4.82 8.04 -28.11
N LYS A 212 3.57 7.61 -28.00
CA LYS A 212 2.64 7.50 -29.13
C LYS A 212 2.53 8.85 -29.89
N LYS A 213 2.41 9.95 -29.15
CA LYS A 213 2.35 11.31 -29.71
C LYS A 213 3.62 11.64 -30.47
N ALA A 214 4.78 11.39 -29.86
CA ALA A 214 6.07 11.64 -30.53
C ALA A 214 6.12 10.76 -31.77
N ALA A 215 5.67 9.52 -31.71
CA ALA A 215 5.68 8.66 -32.93
C ALA A 215 4.82 9.29 -34.04
N GLU A 216 3.62 9.71 -33.69
CA GLU A 216 2.73 10.33 -34.69
C GLU A 216 3.41 11.56 -35.29
N LEU A 217 4.12 12.35 -34.49
CA LEU A 217 4.74 13.63 -34.96
C LEU A 217 5.96 13.32 -35.83
N ILE A 218 6.68 12.26 -35.55
CA ILE A 218 7.79 11.81 -36.44
C ILE A 218 7.17 11.47 -37.80
N LYS A 219 6.09 10.69 -37.81
CA LYS A 219 5.42 10.31 -39.09
C LYS A 219 4.98 11.60 -39.80
N ARG A 220 4.52 12.61 -39.06
CA ARG A 220 4.08 13.89 -39.67
C ARG A 220 5.30 14.59 -40.28
N ALA A 221 6.45 14.51 -39.59
CA ALA A 221 7.75 15.04 -40.09
C ALA A 221 8.15 14.33 -41.40
N ILE A 222 8.01 13.01 -41.46
CA ILE A 222 8.34 12.20 -42.66
C ILE A 222 7.45 12.65 -43.82
N ARG A 223 6.16 12.85 -43.58
CA ARG A 223 5.21 13.27 -44.63
C ARG A 223 5.60 14.70 -45.08
N ALA A 224 5.99 15.57 -44.15
CA ALA A 224 6.43 16.96 -44.47
C ALA A 224 7.65 16.90 -45.39
N GLU A 225 8.59 15.99 -45.07
CA GLU A 225 9.86 15.75 -45.80
C GLU A 225 9.51 15.30 -47.24
N LYS A 226 8.61 14.34 -47.41
CA LYS A 226 8.28 13.84 -48.77
C LYS A 226 7.62 14.92 -49.63
N GLU A 227 7.05 15.93 -49.03
CA GLU A 227 6.34 17.01 -49.75
C GLU A 227 7.30 18.18 -49.92
N GLY A 228 8.50 18.09 -49.35
CA GLY A 228 9.51 19.14 -49.39
C GLY A 228 9.17 20.32 -48.51
N ASN A 229 8.35 20.15 -47.47
CA ASN A 229 7.89 21.30 -46.64
C ASN A 229 8.85 21.45 -45.45
N ARG A 230 9.88 22.27 -45.61
CA ARG A 230 10.94 22.55 -44.61
C ARG A 230 10.35 22.97 -43.25
N ASP A 231 9.45 23.94 -43.25
CA ASP A 231 8.92 24.59 -42.01
C ASP A 231 8.11 23.57 -41.22
N GLU A 232 7.27 22.79 -41.91
CA GLU A 232 6.45 21.73 -41.27
C GLU A 232 7.35 20.63 -40.69
N ARG A 233 8.36 20.19 -41.38
CA ARG A 233 9.30 19.14 -40.88
C ARG A 233 10.03 19.61 -39.63
N ARG A 234 10.52 20.84 -39.63
CA ARG A 234 11.32 21.41 -38.52
C ARG A 234 10.41 21.55 -37.30
N GLU A 235 9.20 22.07 -37.48
CA GLU A 235 8.27 22.24 -36.34
C GLU A 235 7.89 20.88 -35.75
N ALA A 236 7.59 19.86 -36.55
CA ALA A 236 7.25 18.50 -36.10
C ALA A 236 8.44 17.94 -35.31
N LEU A 237 9.62 18.04 -35.86
CA LEU A 237 10.83 17.54 -35.16
C LEU A 237 11.04 18.29 -33.83
N GLU A 238 10.92 19.62 -33.79
CA GLU A 238 11.10 20.37 -32.50
C GLU A 238 10.10 19.85 -31.46
N ARG A 239 8.82 19.71 -31.84
CA ARG A 239 7.80 19.18 -30.91
C ARG A 239 8.22 17.75 -30.49
N VAL A 240 8.71 16.92 -31.40
CA VAL A 240 9.14 15.55 -31.02
C VAL A 240 10.25 15.66 -29.98
N ARG A 241 11.21 16.54 -30.20
CA ARG A 241 12.31 16.72 -29.22
C ARG A 241 11.71 17.17 -27.87
N GLU A 242 10.70 18.00 -27.82
CA GLU A 242 10.25 18.49 -26.50
C GLU A 242 9.42 17.41 -25.81
N VAL A 243 8.73 16.55 -26.58
CA VAL A 243 8.02 15.40 -25.98
C VAL A 243 9.05 14.42 -25.40
N ILE A 244 10.16 14.18 -26.06
CA ILE A 244 11.20 13.23 -25.55
C ILE A 244 11.80 13.87 -24.29
N GLU A 245 12.02 15.17 -24.31
CA GLU A 245 12.57 15.87 -23.11
C GLU A 245 11.57 15.69 -21.96
N ARG A 246 10.28 15.87 -22.21
CA ARG A 246 9.24 15.73 -21.15
C ARG A 246 9.22 14.29 -20.64
N ILE A 247 9.29 13.29 -21.52
CA ILE A 247 9.36 11.86 -21.10
C ILE A 247 10.62 11.61 -20.26
N GLU A 248 11.76 12.16 -20.66
CA GLU A 248 13.04 11.92 -19.94
C GLU A 248 12.91 12.59 -18.57
N GLU A 249 12.23 13.72 -18.45
CA GLU A 249 12.06 14.38 -17.12
C GLU A 249 11.17 13.49 -16.24
N ASP A 250 10.08 12.98 -16.77
CA ASP A 250 9.17 12.09 -16.01
C ASP A 250 9.97 10.91 -15.46
N VAL A 251 10.74 10.24 -16.32
CA VAL A 251 11.51 9.04 -15.92
C VAL A 251 12.54 9.41 -14.84
N ARG A 252 13.19 10.55 -15.02
CA ARG A 252 14.19 11.03 -14.05
C ARG A 252 13.49 11.30 -12.70
N LYS A 253 12.36 11.98 -12.69
CA LYS A 253 11.67 12.24 -11.40
C LYS A 253 11.36 10.92 -10.67
N ALA A 254 10.85 9.92 -11.39
CA ALA A 254 10.49 8.61 -10.85
C ALA A 254 11.77 7.88 -10.41
N MET A 255 12.83 8.00 -11.14
CA MET A 255 14.10 7.36 -10.75
C MET A 255 14.68 8.02 -9.48
N LEU A 256 14.62 9.34 -9.36
CA LEU A 256 15.09 10.02 -8.12
C LEU A 256 14.25 9.54 -6.90
N ILE A 257 12.93 9.32 -7.10
CA ILE A 257 12.03 8.90 -6.00
C ILE A 257 12.45 7.48 -5.60
N ALA A 258 12.63 6.57 -6.55
CA ALA A 258 12.99 5.16 -6.29
C ALA A 258 14.30 5.18 -5.52
N LYS A 259 15.27 5.98 -5.98
CA LYS A 259 16.60 6.02 -5.35
C LYS A 259 16.53 6.62 -3.95
N LEU A 260 15.71 7.64 -3.73
CA LEU A 260 15.56 8.31 -2.40
C LEU A 260 14.91 7.34 -1.41
N LEU A 261 13.86 6.62 -1.81
CA LEU A 261 13.30 5.55 -0.96
C LEU A 261 14.39 4.52 -0.60
N GLU A 262 15.21 4.11 -1.55
CA GLU A 262 16.23 3.07 -1.35
C GLU A 262 17.32 3.63 -0.42
N ALA A 263 17.74 4.87 -0.62
CA ALA A 263 18.77 5.49 0.25
C ALA A 263 18.25 5.56 1.69
N ALA A 264 17.00 5.96 1.90
CA ALA A 264 16.40 6.13 3.26
C ALA A 264 16.37 4.75 3.94
N LYS A 265 15.88 3.70 3.26
CA LYS A 265 15.84 2.33 3.82
C LYS A 265 17.26 1.81 4.12
N LYS A 266 18.24 2.14 3.32
CA LYS A 266 19.63 1.67 3.55
C LYS A 266 20.28 2.50 4.64
N GLY A 267 19.74 3.65 5.01
CA GLY A 267 20.44 4.51 5.98
C GLY A 267 21.65 5.25 5.40
N GLN A 268 21.71 5.53 4.11
CA GLN A 268 22.79 6.33 3.46
C GLN A 268 22.50 7.83 3.60
N ILE A 269 23.10 8.47 4.59
CA ILE A 269 22.83 9.90 4.89
C ILE A 269 23.26 10.73 3.68
N GLU A 270 24.49 10.54 3.21
CA GLU A 270 25.05 11.43 2.16
C GLU A 270 24.27 11.22 0.85
N GLU A 271 23.83 9.99 0.59
CA GLU A 271 23.05 9.70 -0.63
C GLU A 271 21.70 10.40 -0.57
N VAL A 272 21.02 10.33 0.59
CA VAL A 272 19.75 11.06 0.81
C VAL A 272 19.99 12.53 0.48
N ARG A 273 21.07 13.08 1.02
CA ARG A 273 21.37 14.52 0.83
C ARG A 273 21.56 14.81 -0.66
N ARG A 274 22.41 13.98 -1.27
CA ARG A 274 22.74 14.14 -2.72
C ARG A 274 21.42 14.11 -3.51
N LEU A 275 20.53 13.19 -3.19
CA LEU A 275 19.35 12.98 -4.06
C LEU A 275 18.39 14.16 -3.88
N LEU A 276 18.24 14.64 -2.66
CA LEU A 276 17.43 15.83 -2.37
C LEU A 276 18.06 17.03 -3.08
N GLU A 277 19.36 17.17 -3.07
CA GLU A 277 20.00 18.31 -3.76
C GLU A 277 19.76 18.25 -5.28
N LEU A 278 19.61 17.06 -5.86
CA LEU A 278 19.32 16.90 -7.32
C LEU A 278 17.86 17.17 -7.64
N GLY A 279 17.00 17.35 -6.65
CA GLY A 279 15.58 17.72 -6.80
C GLY A 279 14.62 16.56 -6.60
N ALA A 280 15.08 15.42 -6.06
CA ALA A 280 14.20 14.32 -5.65
C ALA A 280 13.04 14.84 -4.81
N ASP A 281 11.84 14.38 -5.09
CA ASP A 281 10.62 14.77 -4.34
C ASP A 281 10.69 14.11 -2.97
N ALA A 282 10.87 14.94 -1.92
CA ALA A 282 10.89 14.52 -0.50
C ALA A 282 9.60 13.77 -0.10
N ASN A 283 8.49 14.05 -0.77
CA ASN A 283 7.18 13.42 -0.56
C ASN A 283 6.87 12.38 -1.63
N GLY A 284 7.82 11.97 -2.47
CA GLY A 284 7.60 10.86 -3.41
C GLY A 284 7.21 9.59 -2.65
N ALA A 285 6.37 8.72 -3.24
CA ALA A 285 5.87 7.53 -2.54
C ALA A 285 5.90 6.32 -3.47
N ASP A 286 6.06 5.11 -2.93
CA ASP A 286 5.82 3.89 -3.74
C ASP A 286 4.28 3.73 -3.94
N GLY A 287 3.87 2.64 -4.60
CA GLY A 287 2.46 2.39 -4.93
C GLY A 287 1.59 2.25 -3.69
N GLY A 288 2.14 1.85 -2.56
CA GLY A 288 1.46 1.65 -1.25
C GLY A 288 1.47 2.91 -0.38
N GLY A 289 2.05 4.00 -0.89
CA GLY A 289 2.04 5.28 -0.16
C GLY A 289 3.19 5.44 0.80
N THR A 290 4.14 4.50 0.81
CA THR A 290 5.31 4.62 1.69
C THR A 290 6.23 5.77 1.23
N THR A 291 6.62 6.66 2.12
CA THR A 291 7.54 7.79 1.83
C THR A 291 8.92 7.51 2.41
N PRO A 292 9.95 8.24 1.93
CA PRO A 292 11.27 8.15 2.55
C PRO A 292 11.21 8.39 4.05
N LEU A 293 10.33 9.27 4.52
CA LEU A 293 10.22 9.56 5.97
C LEU A 293 9.71 8.32 6.69
N HIS A 294 8.76 7.59 6.10
CA HIS A 294 8.29 6.33 6.73
C HIS A 294 9.49 5.40 6.93
N LEU A 295 10.33 5.25 5.93
CA LEU A 295 11.42 4.23 5.97
C LEU A 295 12.49 4.69 6.97
N ALA A 296 12.83 5.97 6.98
CA ALA A 296 13.81 6.49 7.97
C ALA A 296 13.27 6.38 9.40
N ALA A 297 12.02 6.78 9.61
CA ALA A 297 11.35 6.74 10.94
C ALA A 297 11.39 5.30 11.50
N THR A 298 11.08 4.27 10.71
CA THR A 298 10.83 2.89 11.21
C THR A 298 12.17 2.22 11.48
N SER A 299 13.24 2.69 10.84
CA SER A 299 14.59 2.09 10.92
C SER A 299 15.52 2.91 11.81
N GLY A 300 15.01 3.93 12.51
CA GLY A 300 15.75 4.73 13.50
C GLY A 300 16.83 5.62 12.89
N GLN A 301 16.63 6.11 11.68
CA GLN A 301 17.58 6.98 10.94
C GLN A 301 17.30 8.45 11.26
N LEU A 302 17.80 8.90 12.40
CA LEU A 302 17.38 10.19 12.97
C LEU A 302 17.87 11.32 12.08
N THR A 303 19.13 11.28 11.67
CA THR A 303 19.68 12.32 10.78
C THR A 303 18.85 12.43 9.50
N ILE A 304 18.63 11.28 8.85
CA ILE A 304 17.81 11.23 7.60
C ILE A 304 16.43 11.81 7.89
N VAL A 305 15.83 11.48 9.03
CA VAL A 305 14.51 12.08 9.41
C VAL A 305 14.62 13.61 9.39
N GLU A 306 15.67 14.15 10.03
CA GLU A 306 15.81 15.63 10.18
C GLU A 306 16.04 16.26 8.81
N ILE A 307 16.88 15.64 7.97
CA ILE A 307 17.13 16.14 6.59
C ILE A 307 15.81 16.21 5.81
N LEU A 308 15.02 15.12 5.83
CA LEU A 308 13.79 15.06 5.01
C LEU A 308 12.83 16.17 5.45
N LEU A 309 12.64 16.34 6.77
CA LEU A 309 11.70 17.35 7.34
C LEU A 309 12.14 18.74 6.93
N ARG A 310 13.43 19.01 7.09
CA ARG A 310 14.03 20.27 6.61
C ARG A 310 13.75 20.50 5.12
N GLN A 311 13.85 19.46 4.28
CA GLN A 311 13.65 19.58 2.82
C GLN A 311 12.16 19.46 2.40
N GLY A 312 11.19 19.48 3.32
CA GLY A 312 9.78 19.71 2.95
C GLY A 312 8.95 18.45 2.96
N ALA A 313 9.46 17.32 3.47
CA ALA A 313 8.67 16.09 3.67
C ALA A 313 7.52 16.43 4.62
N ASP A 314 6.35 15.89 4.31
CA ASP A 314 5.14 15.94 5.17
C ASP A 314 5.33 14.95 6.33
N VAL A 315 5.43 15.50 7.52
CA VAL A 315 5.60 14.76 8.80
C VAL A 315 4.41 13.83 8.99
N ASN A 316 3.25 14.17 8.39
CA ASN A 316 1.98 13.44 8.55
C ASN A 316 1.59 12.56 7.36
N ALA A 317 2.47 12.29 6.44
CA ALA A 317 2.20 11.45 5.27
C ALA A 317 1.58 10.15 5.77
N ALA A 318 0.44 9.76 5.21
CA ALA A 318 -0.23 8.50 5.58
C ALA A 318 -0.02 7.51 4.43
N ASP A 319 0.39 6.27 4.64
CA ASP A 319 0.41 5.26 3.55
C ASP A 319 -1.01 4.78 3.34
N ASN A 320 -1.18 3.70 2.57
CA ASN A 320 -2.49 3.27 2.05
C ASN A 320 -3.31 2.67 3.19
N THR A 321 -2.73 2.40 4.37
CA THR A 321 -3.45 1.91 5.57
C THR A 321 -3.51 2.99 6.66
N GLY A 322 -3.37 4.26 6.30
CA GLY A 322 -3.39 5.43 7.21
C GLY A 322 -2.19 5.46 8.15
N THR A 323 -1.12 4.70 7.90
CA THR A 323 0.07 4.61 8.80
C THR A 323 0.95 5.85 8.57
N THR A 324 1.33 6.55 9.64
CA THR A 324 2.22 7.71 9.58
C THR A 324 3.59 7.33 10.12
N PRO A 325 4.62 8.17 9.86
CA PRO A 325 5.95 7.93 10.42
C PRO A 325 5.91 7.84 11.95
N LEU A 326 5.07 8.64 12.61
CA LEU A 326 4.94 8.60 14.10
C LEU A 326 4.45 7.22 14.54
N HIS A 327 3.48 6.61 13.85
CA HIS A 327 3.09 5.20 14.12
C HIS A 327 4.33 4.29 14.09
N LEU A 328 5.10 4.33 13.03
CA LEU A 328 6.22 3.37 12.80
C LEU A 328 7.30 3.54 13.87
N ALA A 329 7.65 4.80 14.16
CA ALA A 329 8.59 5.13 15.24
C ALA A 329 8.03 4.61 16.58
N ALA A 330 6.72 4.72 16.79
CA ALA A 330 6.15 4.39 18.12
C ALA A 330 6.20 2.87 18.32
N TYR A 331 5.83 2.04 17.32
CA TYR A 331 5.85 0.57 17.50
C TYR A 331 7.33 0.11 17.62
N SER A 332 8.20 0.73 16.82
CA SER A 332 9.64 0.38 16.73
C SER A 332 10.38 0.77 18.01
N GLY A 333 9.84 1.66 18.82
CA GLY A 333 10.47 2.05 20.10
C GLY A 333 11.65 2.96 19.85
N HIS A 334 11.65 3.73 18.76
CA HIS A 334 12.63 4.78 18.43
C HIS A 334 12.22 6.08 19.14
N LEU A 335 12.58 6.20 20.41
CA LEU A 335 12.16 7.36 21.28
C LEU A 335 12.60 8.70 20.67
N GLU A 336 13.86 8.80 20.24
CA GLU A 336 14.39 10.09 19.68
C GLU A 336 13.67 10.46 18.39
N ILE A 337 13.42 9.49 17.51
CA ILE A 337 12.58 9.75 16.30
C ILE A 337 11.19 10.23 16.69
N VAL A 338 10.53 9.57 17.64
CA VAL A 338 9.20 10.01 18.15
C VAL A 338 9.31 11.47 18.58
N GLU A 339 10.30 11.78 19.42
CA GLU A 339 10.55 13.18 19.91
C GLU A 339 10.69 14.13 18.73
N VAL A 340 11.48 13.74 17.72
CA VAL A 340 11.76 14.66 16.59
C VAL A 340 10.53 14.85 15.72
N LEU A 341 9.78 13.79 15.41
CA LEU A 341 8.53 13.95 14.60
C LEU A 341 7.60 14.90 15.36
N LEU A 342 7.41 14.71 16.66
CA LEU A 342 6.49 15.57 17.45
C LEU A 342 6.99 17.02 17.44
N LYS A 343 8.28 17.21 17.70
CA LYS A 343 8.93 18.53 17.60
C LYS A 343 8.62 19.17 16.24
N HIS A 344 8.58 18.39 15.15
CA HIS A 344 8.28 18.93 13.80
C HIS A 344 6.82 18.84 13.40
N GLY A 345 5.89 18.64 14.35
CA GLY A 345 4.47 18.88 14.05
C GLY A 345 3.71 17.61 13.70
N ALA A 346 4.27 16.43 14.01
CA ALA A 346 3.56 15.16 13.82
C ALA A 346 2.24 15.23 14.59
N ASP A 347 1.16 14.74 13.97
CA ASP A 347 -0.18 14.66 14.60
C ASP A 347 -0.15 13.46 15.53
N VAL A 348 -0.21 13.80 16.79
CA VAL A 348 -0.07 12.84 17.89
C VAL A 348 -1.26 11.85 17.86
N ASP A 349 -2.38 12.28 17.29
CA ASP A 349 -3.67 11.52 17.31
C ASP A 349 -3.97 10.90 15.95
N ALA A 350 -3.06 10.90 14.99
CA ALA A 350 -3.30 10.25 13.68
C ALA A 350 -3.82 8.82 13.87
N SER A 351 -4.93 8.45 13.27
CA SER A 351 -5.45 7.06 13.39
C SER A 351 -5.31 6.34 12.05
N ASP A 352 -4.84 5.11 12.04
CA ASP A 352 -4.74 4.30 10.82
C ASP A 352 -6.14 3.79 10.48
N VAL A 353 -6.26 2.95 9.45
CA VAL A 353 -7.57 2.40 9.02
C VAL A 353 -8.19 1.50 10.08
N PHE A 354 -7.45 0.91 11.03
CA PHE A 354 -8.01 0.14 12.18
C PHE A 354 -8.36 1.05 13.37
N GLY A 355 -8.09 2.36 13.31
CA GLY A 355 -8.33 3.26 14.45
C GLY A 355 -7.18 3.35 15.44
N TYR A 356 -6.04 2.69 15.21
CA TYR A 356 -4.82 2.78 16.07
C TYR A 356 -4.16 4.16 15.94
N THR A 357 -3.98 4.84 17.06
CA THR A 357 -3.06 6.01 17.20
C THR A 357 -1.68 5.46 17.52
N PRO A 358 -0.65 6.34 17.45
CA PRO A 358 0.69 5.96 17.92
C PRO A 358 0.68 5.44 19.36
N LEU A 359 -0.19 5.98 20.20
CA LEU A 359 -0.29 5.58 21.61
C LEU A 359 -0.77 4.14 21.69
N HIS A 360 -1.76 3.73 20.92
CA HIS A 360 -2.16 2.31 20.88
C HIS A 360 -0.91 1.46 20.65
N LEU A 361 -0.10 1.84 19.67
CA LEU A 361 1.06 1.01 19.26
C LEU A 361 2.12 0.96 20.36
N ALA A 362 2.38 2.10 20.99
CA ALA A 362 3.36 2.20 22.08
C ALA A 362 2.91 1.29 23.22
N ALA A 363 1.60 1.30 23.51
CA ALA A 363 1.03 0.55 24.63
C ALA A 363 1.14 -0.94 24.31
N TYR A 364 0.71 -1.39 23.11
CA TYR A 364 0.76 -2.81 22.72
C TYR A 364 2.21 -3.30 22.73
N TRP A 365 3.14 -2.49 22.25
CA TRP A 365 4.55 -2.92 22.11
C TRP A 365 5.31 -2.68 23.42
N GLY A 366 4.64 -2.11 24.41
CA GLY A 366 5.20 -2.04 25.78
C GLY A 366 6.33 -1.04 25.92
N HIS A 367 6.28 0.07 25.16
CA HIS A 367 7.31 1.15 25.14
C HIS A 367 6.87 2.24 26.08
N LEU A 368 7.21 2.07 27.35
CA LEU A 368 6.73 2.97 28.44
C LEU A 368 7.17 4.40 28.19
N GLU A 369 8.40 4.63 27.74
CA GLU A 369 8.89 6.02 27.66
C GLU A 369 8.26 6.70 26.46
N ILE A 370 7.93 5.91 25.45
CA ILE A 370 7.21 6.44 24.28
C ILE A 370 5.77 6.81 24.68
N VAL A 371 5.07 5.95 25.40
CA VAL A 371 3.75 6.28 25.97
C VAL A 371 3.86 7.64 26.70
N GLU A 372 4.84 7.78 27.57
CA GLU A 372 5.04 9.04 28.35
C GLU A 372 5.13 10.23 27.41
N VAL A 373 6.00 10.14 26.41
CA VAL A 373 6.27 11.28 25.50
C VAL A 373 5.01 11.62 24.70
N LEU A 374 4.32 10.59 24.16
CA LEU A 374 3.05 10.85 23.41
C LEU A 374 2.09 11.64 24.31
N LEU A 375 1.91 11.14 25.54
CA LEU A 375 0.94 11.72 26.48
C LEU A 375 1.36 13.17 26.77
N LYS A 376 2.64 13.42 26.97
CA LYS A 376 3.14 14.78 27.35
C LYS A 376 3.01 15.72 26.15
N ASN A 377 2.91 15.18 24.94
CA ASN A 377 2.65 15.96 23.73
C ASN A 377 1.17 15.99 23.37
N GLY A 378 0.23 15.57 24.25
CA GLY A 378 -1.21 15.85 24.03
C GLY A 378 -1.97 14.69 23.40
N ALA A 379 -1.40 13.49 23.32
CA ALA A 379 -2.09 12.26 22.84
C ALA A 379 -3.42 12.10 23.59
N ASP A 380 -4.50 11.80 22.85
CA ASP A 380 -5.79 11.43 23.44
C ASP A 380 -5.60 10.09 24.15
N VAL A 381 -5.66 10.13 25.46
CA VAL A 381 -5.38 9.00 26.38
C VAL A 381 -6.50 7.96 26.26
N ASN A 382 -7.66 8.38 25.71
CA ASN A 382 -8.88 7.53 25.63
C ASN A 382 -9.28 7.27 24.18
N ALA A 383 -8.37 7.41 23.24
CA ALA A 383 -8.65 7.17 21.81
C ALA A 383 -9.09 5.70 21.69
N MET A 384 -10.11 5.44 20.88
CA MET A 384 -10.68 4.09 20.72
C MET A 384 -10.37 3.60 19.33
N ASP A 385 -9.96 2.36 19.19
CA ASP A 385 -9.79 1.75 17.88
C ASP A 385 -11.16 1.27 17.36
N SER A 386 -11.18 0.66 16.18
CA SER A 386 -12.40 0.11 15.53
C SER A 386 -13.01 -1.01 16.39
N ASP A 387 -12.33 -1.58 17.38
CA ASP A 387 -12.93 -2.54 18.34
C ASP A 387 -13.34 -1.89 19.69
N GLY A 388 -13.34 -0.55 19.79
CA GLY A 388 -13.59 0.25 21.00
C GLY A 388 -12.48 0.14 22.03
N MET A 389 -11.30 -0.36 21.68
CA MET A 389 -10.23 -0.54 22.67
C MET A 389 -9.45 0.76 22.77
N THR A 390 -9.25 1.23 23.98
CA THR A 390 -8.32 2.33 24.34
C THR A 390 -6.94 1.75 24.66
N PRO A 391 -5.93 2.64 24.82
CA PRO A 391 -4.62 2.16 25.26
C PRO A 391 -4.62 1.44 26.61
N LEU A 392 -5.49 1.88 27.51
CA LEU A 392 -5.60 1.29 28.85
C LEU A 392 -6.09 -0.13 28.68
N HIS A 393 -7.03 -0.35 27.79
CA HIS A 393 -7.42 -1.76 27.49
C HIS A 393 -6.19 -2.58 27.10
N LEU A 394 -5.36 -2.05 26.20
CA LEU A 394 -4.24 -2.86 25.63
C LEU A 394 -3.23 -3.13 26.76
N ALA A 395 -2.93 -2.10 27.57
CA ALA A 395 -1.96 -2.16 28.69
C ALA A 395 -2.43 -3.18 29.73
N ALA A 396 -3.72 -3.18 30.04
CA ALA A 396 -4.35 -4.10 30.99
C ALA A 396 -4.35 -5.53 30.42
N LYS A 397 -4.71 -5.68 29.16
CA LYS A 397 -4.75 -7.03 28.55
C LYS A 397 -3.34 -7.66 28.59
N TRP A 398 -2.30 -6.89 28.26
CA TRP A 398 -0.97 -7.44 27.95
C TRP A 398 -0.02 -7.43 29.17
N GLY A 399 -0.48 -7.04 30.35
CA GLY A 399 0.32 -7.12 31.58
C GLY A 399 1.23 -5.93 31.77
N TYR A 400 1.03 -4.78 31.13
CA TYR A 400 1.99 -3.65 31.29
C TYR A 400 1.58 -2.74 32.44
N LEU A 401 1.94 -3.19 33.63
CA LEU A 401 1.54 -2.51 34.89
C LEU A 401 2.01 -1.07 34.88
N GLU A 402 3.26 -0.78 34.52
CA GLU A 402 3.76 0.61 34.64
C GLU A 402 3.08 1.52 33.60
N ILE A 403 2.77 0.96 32.44
CA ILE A 403 2.07 1.75 31.39
C ILE A 403 0.66 2.04 31.91
N VAL A 404 0.03 1.05 32.56
CA VAL A 404 -1.34 1.21 33.15
C VAL A 404 -1.28 2.44 34.06
N GLU A 405 -0.28 2.50 34.91
CA GLU A 405 -0.14 3.56 35.95
C GLU A 405 0.01 4.89 35.25
N VAL A 406 0.84 4.95 34.20
CA VAL A 406 1.12 6.21 33.49
C VAL A 406 -0.17 6.70 32.82
N LEU A 407 -0.88 5.79 32.13
CA LEU A 407 -2.15 6.13 31.45
C LEU A 407 -3.15 6.69 32.47
N LEU A 408 -3.31 6.04 33.62
CA LEU A 408 -4.18 6.54 34.69
C LEU A 408 -3.70 7.96 35.12
N LYS A 409 -2.42 8.19 35.34
CA LYS A 409 -1.95 9.53 35.76
C LYS A 409 -2.40 10.59 34.74
N HIS A 410 -2.49 10.22 33.44
CA HIS A 410 -2.74 11.19 32.35
C HIS A 410 -4.22 11.17 31.94
N GLY A 411 -5.05 10.53 32.74
CA GLY A 411 -6.52 10.69 32.63
C GLY A 411 -7.22 9.51 31.96
N ALA A 412 -6.63 8.31 31.90
CA ALA A 412 -7.27 7.20 31.18
C ALA A 412 -8.60 6.86 31.90
N ASP A 413 -9.63 6.52 31.14
CA ASP A 413 -11.00 6.23 31.62
C ASP A 413 -11.09 4.73 31.93
N VAL A 414 -11.20 4.47 33.22
CA VAL A 414 -11.28 3.13 33.87
C VAL A 414 -12.61 2.45 33.47
N ASN A 415 -13.59 3.26 33.05
CA ASN A 415 -14.97 2.78 32.76
C ASN A 415 -15.19 2.60 31.27
N ALA A 416 -14.27 3.03 30.39
CA ALA A 416 -14.41 2.88 28.94
C ALA A 416 -14.68 1.40 28.63
N GLN A 417 -15.66 1.11 27.79
CA GLN A 417 -16.03 -0.28 27.44
C GLN A 417 -15.75 -0.47 25.97
N ASP A 418 -15.11 -1.55 25.60
CA ASP A 418 -14.92 -1.86 24.16
C ASP A 418 -16.22 -2.44 23.57
N LYS A 419 -16.16 -2.79 22.30
CA LYS A 419 -17.19 -3.51 21.48
C LYS A 419 -17.89 -4.63 22.24
N PHE A 420 -17.18 -5.33 23.13
CA PHE A 420 -17.68 -6.51 23.84
C PHE A 420 -18.17 -6.12 25.24
N GLY A 421 -18.29 -4.83 25.53
CA GLY A 421 -18.67 -4.30 26.85
C GLY A 421 -17.56 -4.49 27.87
N LYS A 422 -16.33 -4.76 27.46
CA LYS A 422 -15.20 -5.02 28.41
C LYS A 422 -14.52 -3.72 28.81
N THR A 423 -14.28 -3.54 30.09
CA THR A 423 -13.44 -2.45 30.61
C THR A 423 -12.02 -2.97 30.68
N PRO A 424 -11.03 -2.08 30.89
CA PRO A 424 -9.67 -2.54 31.10
C PRO A 424 -9.64 -3.53 32.29
N PHE A 425 -10.38 -3.25 33.36
CA PHE A 425 -10.43 -4.15 34.54
C PHE A 425 -10.83 -5.54 34.06
N ASP A 426 -11.91 -5.63 33.30
CA ASP A 426 -12.43 -6.94 32.81
C ASP A 426 -11.33 -7.68 32.03
N LEU A 427 -10.64 -6.99 31.13
CA LEU A 427 -9.54 -7.62 30.36
C LEU A 427 -8.41 -8.07 31.32
N ALA A 428 -8.06 -7.27 32.36
CA ALA A 428 -7.00 -7.63 33.31
C ALA A 428 -7.40 -8.96 33.98
N ILE A 429 -8.62 -9.02 34.51
CA ILE A 429 -9.16 -10.24 35.17
C ILE A 429 -9.17 -11.40 34.15
N ASP A 430 -9.68 -11.17 32.94
CA ASP A 430 -9.80 -12.25 31.92
C ASP A 430 -8.43 -12.82 31.60
N ASN A 431 -7.36 -12.03 31.74
CA ASN A 431 -6.00 -12.44 31.32
C ASN A 431 -5.12 -12.88 32.49
N GLY A 432 -5.62 -12.90 33.73
CA GLY A 432 -4.86 -13.31 34.93
C GLY A 432 -4.06 -12.18 35.58
N ASN A 433 -4.26 -10.93 35.14
CA ASN A 433 -3.43 -9.78 35.53
C ASN A 433 -4.06 -9.12 36.76
N GLU A 434 -3.95 -9.84 37.88
CA GLU A 434 -4.61 -9.50 39.16
C GLU A 434 -4.01 -8.23 39.76
N ASP A 435 -2.67 -8.04 39.73
CA ASP A 435 -2.05 -6.79 40.24
C ASP A 435 -2.62 -5.58 39.49
N ILE A 436 -2.79 -5.71 38.17
CA ILE A 436 -3.30 -4.59 37.32
C ILE A 436 -4.77 -4.34 37.72
N ALA A 437 -5.56 -5.42 37.80
CA ALA A 437 -6.98 -5.43 38.22
C ALA A 437 -7.07 -4.63 39.53
N GLU A 438 -6.11 -4.78 40.40
CA GLU A 438 -6.17 -4.12 41.72
C GLU A 438 -5.98 -2.61 41.57
N VAL A 439 -4.98 -2.20 40.80
CA VAL A 439 -4.73 -0.76 40.49
C VAL A 439 -5.98 -0.16 39.83
N LEU A 440 -6.63 -0.88 38.91
CA LEU A 440 -7.79 -0.33 38.16
C LEU A 440 -9.01 -0.22 39.09
N GLN A 441 -9.14 -1.19 39.99
CA GLN A 441 -10.22 -1.26 40.98
C GLN A 441 -10.03 -0.05 41.91
N LYS A 442 -8.82 0.18 42.39
CA LYS A 442 -8.54 1.33 43.31
C LYS A 442 -8.84 2.64 42.59
N ALA A 443 -8.58 2.72 41.28
CA ALA A 443 -8.73 3.99 40.51
C ALA A 443 -10.20 4.30 40.23
N ALA A 444 -11.09 3.30 40.25
CA ALA A 444 -12.52 3.46 39.83
C ALA A 444 -13.36 4.22 40.87
N1 FMN B . -16.08 -16.86 0.63
C2 FMN B . -15.44 -17.63 1.54
O2 FMN B . -16.07 -18.25 2.42
N3 FMN B . -14.06 -17.70 1.56
C4 FMN B . -13.28 -17.06 0.61
O4 FMN B . -12.05 -17.13 0.68
C4A FMN B . -13.94 -16.26 -0.35
N5 FMN B . -13.20 -15.62 -1.26
C5A FMN B . -13.88 -14.83 -2.15
C6 FMN B . -13.11 -14.10 -3.07
C7 FMN B . -13.69 -13.21 -3.94
C7M FMN B . -12.81 -12.44 -4.90
C8 FMN B . -15.09 -13.09 -3.98
C8M FMN B . -15.75 -12.13 -4.94
C9 FMN B . -15.88 -13.81 -3.06
C9A FMN B . -15.28 -14.67 -2.14
N10 FMN B . -16.02 -15.41 -1.22
C10 FMN B . -15.37 -16.21 -0.28
C1' FMN B . -17.48 -15.15 -1.09
C2' FMN B . -18.40 -16.09 -1.86
O2' FMN B . -17.92 -16.34 -3.17
C3' FMN B . -19.79 -15.46 -1.89
O3' FMN B . -19.75 -14.13 -2.42
C4' FMN B . -20.43 -15.44 -0.50
O4' FMN B . -20.66 -16.80 -0.12
C5' FMN B . -21.71 -14.65 -0.41
O5' FMN B . -22.61 -14.90 -1.51
P FMN B . -23.70 -16.11 -1.53
O1P FMN B . -24.33 -16.07 -2.85
O2P FMN B . -22.90 -17.43 -1.31
O3P FMN B . -24.66 -15.77 -0.37
MG MG C . -20.07 -13.94 -5.53
CL CL D . -5.09 -6.91 21.63
CL CL E . 3.56 19.50 -35.93
#